data_5R5J
#
_entry.id   5R5J
#
_cell.length_a   49.700
_cell.length_b   52.230
_cell.length_c   101.880
_cell.angle_alpha   90.000
_cell.angle_beta   90.000
_cell.angle_gamma   90.000
#
_symmetry.space_group_name_H-M   'P 21 21 21'
#
loop_
_entity.id
_entity.type
_entity.pdbx_description
1 polymer 'Uridine diphosphate glucose pyrophosphatase NUDT22'
2 non-polymer '3-[(5-methylthiophen-2-yl)methylamino]benzoic acid'
3 non-polymer 'DIMETHYL SULFOXIDE'
4 water water
#
_entity_poly.entity_id   1
_entity_poly.type   'polypeptide(L)'
_entity_poly.pdbx_seq_one_letter_code
;SMDPEVTLLLQCPGGGLPQEQIQAELSPAHDRRPLPGGDEAITAIWETRLKAQPWLFDAPKFRLHSATLAPIGSRGPQLL
LRLGLTSYRDFLGTNWSSSAAWLRQQGATDWGDTQAYLADPLGVGAALATADDFLVFLRRSRQVAEAPGLVDVPGGHPEP
QALCPGGSPQHQDLAGQLVVHELFSSVLQEICDEVNLPLLTLSQPLLLGIARNETSAGRASAEFYVQCSLTSEQVRKHYL
SGGPEAHESTGIFFVETQNVRRLPETEMWAELCPSAKGAIILYNRVQGSPTGAALGSPALLPPL
;
_entity_poly.pdbx_strand_id   A
#
loop_
_chem_comp.id
_chem_comp.type
_chem_comp.name
_chem_comp.formula
DMS non-polymer 'DIMETHYL SULFOXIDE' 'C2 H6 O S'
MH5 non-polymer '3-[(5-methylthiophen-2-yl)methylamino]benzoic acid' 'C13 H13 N O2 S'
#
# COMPACT_ATOMS: atom_id res chain seq x y z
N ASP A 3 14.62 -7.57 7.08
N ASP A 3 14.54 -7.14 6.73
CA ASP A 3 13.20 -7.96 7.01
CA ASP A 3 13.32 -7.96 7.00
C ASP A 3 12.91 -8.63 5.67
C ASP A 3 12.89 -8.63 5.69
N PRO A 4 12.95 -9.97 5.57
CA PRO A 4 12.72 -10.64 4.29
C PRO A 4 11.30 -10.49 3.73
N GLU A 5 10.33 -10.02 4.50
CA GLU A 5 8.95 -10.08 3.98
C GLU A 5 8.57 -8.75 3.35
N VAL A 6 9.48 -7.79 3.28
CA VAL A 6 9.21 -6.52 2.55
C VAL A 6 10.51 -5.99 1.93
N THR A 7 10.46 -5.61 0.64
CA THR A 7 11.57 -4.99 -0.13
C THR A 7 11.08 -3.67 -0.72
N LEU A 8 11.92 -2.65 -0.73
CA LEU A 8 11.58 -1.33 -1.30
C LEU A 8 11.81 -1.36 -2.81
N LEU A 9 10.75 -1.15 -3.58
CA LEU A 9 10.91 -0.97 -5.04
C LEU A 9 11.30 0.46 -5.34
N LEU A 10 10.79 1.45 -4.61
CA LEU A 10 10.97 2.89 -4.91
C LEU A 10 10.96 3.69 -3.60
N GLN A 11 11.87 4.65 -3.43
CA GLN A 11 11.88 5.67 -2.35
C GLN A 11 11.84 7.06 -3.03
N CYS A 12 10.82 7.86 -2.75
CA CYS A 12 10.60 9.20 -3.39
C CYS A 12 11.54 10.24 -2.80
N PRO A 13 11.95 11.21 -3.65
CA PRO A 13 12.72 12.35 -3.21
C PRO A 13 11.90 13.49 -2.61
N GLY A 14 12.62 14.45 -2.05
CA GLY A 14 12.08 15.73 -1.55
C GLY A 14 11.07 15.58 -0.46
N GLY A 15 11.09 14.49 0.32
CA GLY A 15 10.10 14.28 1.39
C GLY A 15 8.80 13.68 0.87
N GLY A 16 8.73 13.30 -0.40
CA GLY A 16 7.55 12.63 -0.99
C GLY A 16 6.93 13.46 -2.10
N LEU A 17 6.30 12.82 -3.09
CA LEU A 17 5.82 13.54 -4.30
C LEU A 17 4.33 13.84 -4.20
N PRO A 18 3.90 15.09 -4.50
CA PRO A 18 2.48 15.37 -4.67
C PRO A 18 1.97 14.83 -6.01
N GLN A 19 0.64 14.72 -6.14
CA GLN A 19 -0.10 14.25 -7.34
C GLN A 19 0.44 14.91 -8.63
N GLU A 20 0.76 16.19 -8.58
CA GLU A 20 1.11 17.03 -9.78
C GLU A 20 2.47 16.65 -10.37
N GLN A 21 3.29 15.90 -9.66
CA GLN A 21 4.65 15.55 -10.15
C GLN A 21 4.70 14.08 -10.59
N ILE A 22 3.55 13.44 -10.74
CA ILE A 22 3.46 12.01 -11.15
C ILE A 22 2.67 11.88 -12.46
N GLN A 23 3.24 11.09 -13.36
CA GLN A 23 2.65 10.69 -14.67
C GLN A 23 2.30 9.20 -14.60
N ALA A 24 1.15 8.78 -15.11
CA ALA A 24 0.82 7.35 -15.31
C ALA A 24 0.68 7.06 -16.80
N GLU A 25 1.09 5.85 -17.21
CA GLU A 25 0.80 5.24 -18.53
C GLU A 25 -0.02 3.98 -18.27
N LEU A 26 -1.31 4.00 -18.60
CA LEU A 26 -2.24 2.85 -18.45
C LEU A 26 -2.36 2.16 -19.81
N SER A 27 -1.83 0.95 -19.95
CA SER A 27 -1.65 0.23 -21.24
C SER A 27 -1.85 -1.28 -21.06
N PRO A 28 -2.60 -1.94 -21.98
CA PRO A 28 -2.68 -3.42 -21.99
C PRO A 28 -1.31 -4.12 -22.12
N ALA A 29 -0.26 -3.41 -22.57
CA ALA A 29 1.13 -3.89 -22.52
C ALA A 29 1.58 -4.12 -21.06
N HIS A 30 0.90 -3.53 -20.07
CA HIS A 30 1.25 -3.66 -18.63
C HIS A 30 0.42 -4.75 -17.92
N ASP A 31 -0.44 -5.46 -18.62
CA ASP A 31 -1.29 -6.56 -18.09
C ASP A 31 -0.42 -7.78 -17.76
N ARG A 32 -0.96 -8.67 -16.92
CA ARG A 32 -0.46 -10.04 -16.71
C ARG A 32 -0.45 -10.78 -18.06
N ARG A 33 0.55 -11.62 -18.29
CA ARG A 33 0.62 -12.52 -19.45
C ARG A 33 -0.30 -13.71 -19.19
N PRO A 34 -0.99 -14.24 -20.24
CA PRO A 34 -1.74 -15.49 -20.13
C PRO A 34 -0.86 -16.64 -19.58
N LEU A 35 -1.42 -17.49 -18.72
CA LEU A 35 -0.67 -18.61 -18.06
C LEU A 35 -0.19 -19.60 -19.13
N PRO A 36 0.98 -20.25 -18.92
CA PRO A 36 1.54 -21.16 -19.93
C PRO A 36 0.53 -22.21 -20.43
N GLY A 37 -0.28 -22.80 -19.53
CA GLY A 37 -1.30 -23.81 -19.86
C GLY A 37 -2.71 -23.25 -20.09
N GLY A 38 -2.85 -21.93 -20.20
CA GLY A 38 -4.12 -21.22 -20.45
C GLY A 38 -4.70 -20.65 -19.16
N ASP A 39 -5.56 -19.63 -19.27
CA ASP A 39 -6.24 -18.96 -18.10
C ASP A 39 -7.37 -19.84 -17.53
N GLU A 40 -7.64 -21.03 -18.10
CA GLU A 40 -8.57 -22.06 -17.54
C GLU A 40 -8.30 -22.35 -16.06
N ALA A 41 -7.03 -22.46 -15.64
CA ALA A 41 -6.62 -22.71 -14.23
C ALA A 41 -7.22 -21.67 -13.26
N ILE A 42 -7.31 -20.41 -13.67
CA ILE A 42 -7.86 -19.30 -12.83
C ILE A 42 -9.38 -19.46 -12.75
N THR A 43 -10.02 -19.72 -13.88
CA THR A 43 -11.47 -19.99 -13.99
C THR A 43 -11.86 -21.19 -13.09
N ALA A 44 -11.06 -22.25 -13.01
CA ALA A 44 -11.35 -23.45 -12.18
C ALA A 44 -11.33 -23.10 -10.67
N ILE A 45 -10.31 -22.37 -10.22
CA ILE A 45 -10.16 -21.90 -8.81
C ILE A 45 -11.36 -20.99 -8.45
N TRP A 46 -11.73 -20.06 -9.33
CA TRP A 46 -12.88 -19.13 -9.14
C TRP A 46 -14.21 -19.91 -8.98
N GLU A 47 -14.50 -20.82 -9.91
CA GLU A 47 -15.75 -21.65 -9.90
C GLU A 47 -15.86 -22.43 -8.59
N THR A 48 -14.77 -23.08 -8.17
CA THR A 48 -14.68 -23.86 -6.92
C THR A 48 -15.01 -22.96 -5.72
N ARG A 49 -14.44 -21.74 -5.70
CA ARG A 49 -14.62 -20.78 -4.59
C ARG A 49 -16.10 -20.32 -4.52
N LEU A 50 -16.75 -20.07 -5.66
CA LEU A 50 -18.15 -19.57 -5.73
C LEU A 50 -19.09 -20.70 -5.30
N LYS A 51 -18.73 -21.96 -5.55
CA LYS A 51 -19.57 -23.09 -5.13
C LYS A 51 -19.52 -23.30 -3.59
N ALA A 52 -18.60 -22.68 -2.87
CA ALA A 52 -18.60 -22.67 -1.38
C ALA A 52 -19.10 -21.33 -0.84
N GLN A 53 -18.84 -20.22 -1.55
CA GLN A 53 -19.17 -18.83 -1.13
C GLN A 53 -19.87 -18.12 -2.29
N PRO A 54 -21.15 -18.47 -2.62
CA PRO A 54 -21.78 -17.94 -3.82
C PRO A 54 -22.09 -16.44 -3.75
N TRP A 55 -21.86 -15.78 -2.59
CA TRP A 55 -22.05 -14.31 -2.41
C TRP A 55 -20.82 -13.51 -2.83
N LEU A 56 -19.69 -14.16 -3.12
CA LEU A 56 -18.45 -13.46 -3.59
C LEU A 56 -18.71 -12.81 -4.94
N PHE A 57 -18.07 -11.67 -5.19
CA PHE A 57 -18.13 -10.96 -6.50
C PHE A 57 -16.71 -10.55 -6.87
N ASP A 58 -16.46 -10.52 -8.17
CA ASP A 58 -15.19 -10.03 -8.75
C ASP A 58 -15.23 -8.48 -8.74
N ALA A 59 -14.07 -7.85 -8.86
CA ALA A 59 -13.92 -6.39 -9.02
C ALA A 59 -12.61 -6.14 -9.76
N PRO A 60 -12.57 -5.11 -10.63
CA PRO A 60 -11.32 -4.69 -11.28
C PRO A 60 -10.34 -4.05 -10.28
N LYS A 61 -9.04 -4.18 -10.57
CA LYS A 61 -7.95 -3.58 -9.77
C LYS A 61 -6.91 -3.00 -10.75
N PHE A 62 -6.10 -2.06 -10.29
CA PHE A 62 -4.87 -1.61 -11.00
C PHE A 62 -3.76 -2.66 -10.83
N ARG A 63 -2.95 -2.85 -11.87
CA ARG A 63 -1.71 -3.67 -11.84
C ARG A 63 -0.47 -2.76 -12.01
N LEU A 64 0.51 -2.84 -11.11
CA LEU A 64 1.80 -2.12 -11.25
C LEU A 64 2.69 -3.01 -12.08
N HIS A 65 3.11 -2.53 -13.23
CA HIS A 65 4.13 -3.24 -14.04
C HIS A 65 5.53 -2.72 -13.65
N SER A 66 5.68 -1.42 -13.48
CA SER A 66 6.99 -0.81 -13.13
C SER A 66 6.81 0.68 -12.90
N ALA A 67 7.84 1.30 -12.33
CA ALA A 67 7.90 2.73 -12.02
C ALA A 67 9.33 3.18 -12.33
N THR A 68 9.49 4.38 -12.90
CA THR A 68 10.79 5.01 -13.23
C THR A 68 10.84 6.40 -12.59
N LEU A 69 11.86 6.64 -11.76
CA LEU A 69 12.15 7.96 -11.16
C LEU A 69 13.07 8.78 -12.09
N ALA A 70 12.77 10.06 -12.25
CA ALA A 70 13.60 11.03 -12.99
C ALA A 70 14.94 11.24 -12.25
N PRO A 71 15.98 11.81 -12.91
CA PRO A 71 17.21 12.25 -12.24
C PRO A 71 16.88 13.24 -11.12
N ILE A 72 17.42 13.01 -9.92
CA ILE A 72 17.08 13.84 -8.71
C ILE A 72 17.48 15.29 -8.98
N GLY A 73 16.68 16.21 -8.44
CA GLY A 73 16.89 17.66 -8.53
C GLY A 73 16.37 18.24 -9.82
N SER A 74 15.81 17.43 -10.73
CA SER A 74 15.27 17.87 -12.04
C SER A 74 13.92 18.57 -11.89
N ARG A 75 13.57 19.35 -12.90
CA ARG A 75 12.26 20.03 -13.05
C ARG A 75 11.41 19.16 -13.97
N GLY A 76 10.09 19.33 -13.91
CA GLY A 76 9.13 18.52 -14.68
C GLY A 76 8.69 17.34 -13.86
N PRO A 77 7.86 16.45 -14.42
CA PRO A 77 7.41 15.25 -13.72
C PRO A 77 8.61 14.43 -13.22
N GLN A 78 8.49 13.91 -11.99
CA GLN A 78 9.56 13.23 -11.21
C GLN A 78 9.36 11.70 -11.26
N LEU A 79 8.15 11.19 -11.56
CA LEU A 79 7.88 9.72 -11.54
C LEU A 79 6.95 9.33 -12.69
N LEU A 80 7.27 8.24 -13.39
CA LEU A 80 6.32 7.57 -14.31
C LEU A 80 5.88 6.21 -13.73
N LEU A 81 4.57 5.99 -13.57
CA LEU A 81 3.97 4.67 -13.17
C LEU A 81 3.44 3.98 -14.42
N ARG A 82 3.90 2.77 -14.72
CA ARG A 82 3.39 1.94 -15.84
C ARG A 82 2.38 0.93 -15.26
N LEU A 83 1.10 1.08 -15.62
CA LEU A 83 -0.05 0.40 -14.96
C LEU A 83 -0.85 -0.36 -16.04
N GLY A 84 -1.30 -1.58 -15.70
CA GLY A 84 -2.30 -2.34 -16.43
C GLY A 84 -3.55 -2.54 -15.60
N LEU A 85 -4.42 -3.45 -16.02
CA LEU A 85 -5.65 -3.81 -15.25
C LEU A 85 -5.57 -5.28 -14.92
N THR A 86 -6.05 -5.63 -13.72
CA THR A 86 -6.24 -7.02 -13.22
C THR A 86 -7.59 -7.10 -12.47
N SER A 87 -7.74 -8.06 -11.56
CA SER A 87 -9.02 -8.33 -10.88
C SER A 87 -8.77 -9.15 -9.62
N TYR A 88 -9.75 -9.15 -8.73
CA TYR A 88 -9.76 -9.99 -7.50
C TYR A 88 -9.64 -11.48 -7.91
N ARG A 89 -10.43 -11.91 -8.89
CA ARG A 89 -10.43 -13.31 -9.43
C ARG A 89 -9.02 -13.73 -9.87
N ASP A 90 -8.32 -12.87 -10.64
CA ASP A 90 -6.99 -13.19 -11.20
C ASP A 90 -6.00 -13.28 -10.02
N PHE A 91 -6.16 -12.41 -9.03
CA PHE A 91 -5.35 -12.45 -7.77
C PHE A 91 -5.52 -13.83 -7.12
N LEU A 92 -6.76 -14.26 -6.88
CA LEU A 92 -7.00 -15.53 -6.14
C LEU A 92 -6.35 -16.70 -6.93
N GLY A 93 -6.35 -16.64 -8.26
CA GLY A 93 -5.83 -17.73 -9.11
C GLY A 93 -4.33 -17.67 -9.36
N THR A 94 -3.62 -16.63 -8.90
CA THR A 94 -2.17 -16.45 -9.17
C THR A 94 -1.44 -16.18 -7.85
N ASN A 95 -1.36 -14.93 -7.40
CA ASN A 95 -0.58 -14.55 -6.18
C ASN A 95 -0.99 -15.39 -4.97
N TRP A 96 -2.28 -15.64 -4.80
CA TRP A 96 -2.86 -16.34 -3.63
C TRP A 96 -2.83 -17.87 -3.85
N SER A 97 -2.59 -18.32 -5.07
CA SER A 97 -2.44 -19.77 -5.43
C SER A 97 -1.26 -20.44 -4.69
N SER A 98 -1.39 -21.73 -4.42
CA SER A 98 -0.34 -22.51 -3.71
C SER A 98 0.87 -22.68 -4.64
N SER A 99 0.66 -22.60 -5.96
N SER A 99 0.65 -22.60 -5.95
CA SER A 99 1.73 -22.72 -7.00
CA SER A 99 1.67 -22.73 -7.02
C SER A 99 2.34 -21.36 -7.34
C SER A 99 2.32 -21.36 -7.36
N ALA A 100 2.07 -20.32 -6.56
CA ALA A 100 2.54 -18.94 -6.88
C ALA A 100 4.06 -18.93 -7.13
N ALA A 101 4.83 -19.68 -6.35
CA ALA A 101 6.31 -19.72 -6.49
C ALA A 101 6.71 -20.38 -7.83
N TRP A 102 5.98 -21.41 -8.26
CA TRP A 102 6.18 -22.04 -9.59
C TRP A 102 5.92 -21.04 -10.70
N LEU A 103 4.88 -20.22 -10.60
CA LEU A 103 4.55 -19.18 -11.62
C LEU A 103 5.69 -18.14 -11.66
N ARG A 104 6.25 -17.79 -10.51
CA ARG A 104 7.38 -16.82 -10.46
C ARG A 104 8.61 -17.38 -11.22
N GLN A 105 8.94 -18.66 -11.00
CA GLN A 105 10.06 -19.38 -11.68
C GLN A 105 9.82 -19.39 -13.21
N GLN A 106 8.59 -19.71 -13.64
N GLN A 106 8.59 -19.70 -13.66
CA GLN A 106 8.20 -19.80 -15.08
CA GLN A 106 8.25 -19.81 -15.11
C GLN A 106 8.31 -18.41 -15.72
C GLN A 106 8.29 -18.41 -15.74
N GLY A 107 7.97 -17.36 -14.98
CA GLY A 107 8.06 -15.97 -15.46
C GLY A 107 9.51 -15.55 -15.67
N ALA A 108 10.41 -15.92 -14.76
CA ALA A 108 11.88 -15.67 -14.92
C ALA A 108 12.38 -16.34 -16.21
N THR A 109 12.04 -17.60 -16.41
CA THR A 109 12.40 -18.44 -17.60
C THR A 109 11.87 -17.81 -18.89
N ASP A 110 10.55 -17.55 -18.99
CA ASP A 110 9.82 -17.16 -20.23
C ASP A 110 9.99 -15.68 -20.58
N TRP A 111 9.91 -14.75 -19.62
CA TRP A 111 9.82 -13.29 -19.85
C TRP A 111 10.97 -12.55 -19.14
N GLY A 112 11.91 -13.24 -18.46
CA GLY A 112 12.89 -12.57 -17.59
C GLY A 112 12.22 -11.65 -16.56
N ASP A 113 11.06 -12.06 -16.02
CA ASP A 113 10.25 -11.24 -15.08
C ASP A 113 9.47 -12.19 -14.15
N THR A 114 9.90 -12.29 -12.88
CA THR A 114 9.24 -13.09 -11.80
C THR A 114 7.76 -12.75 -11.69
N GLN A 115 7.29 -11.57 -12.12
CA GLN A 115 5.87 -11.13 -11.93
C GLN A 115 4.99 -11.39 -13.18
N ALA A 116 5.54 -11.83 -14.32
CA ALA A 116 4.87 -11.78 -15.65
C ALA A 116 3.56 -12.54 -15.59
N TYR A 117 3.50 -13.64 -14.83
CA TYR A 117 2.29 -14.51 -14.72
C TYR A 117 1.46 -14.20 -13.46
N LEU A 118 1.69 -13.08 -12.77
CA LEU A 118 0.97 -12.77 -11.50
C LEU A 118 0.05 -11.56 -11.69
N ALA A 119 -1.16 -11.60 -11.12
CA ALA A 119 -2.15 -10.47 -11.12
C ALA A 119 -1.48 -9.19 -10.61
N ASP A 120 -0.76 -9.28 -9.48
CA ASP A 120 -0.04 -8.17 -8.79
C ASP A 120 -0.96 -6.95 -8.69
N PRO A 121 -2.14 -7.04 -8.05
CA PRO A 121 -2.98 -5.85 -7.81
C PRO A 121 -2.26 -4.77 -6.97
N LEU A 122 -2.40 -3.50 -7.32
CA LEU A 122 -1.75 -2.39 -6.57
C LEU A 122 -2.55 -2.06 -5.30
N GLY A 123 -1.93 -2.23 -4.11
CA GLY A 123 -2.43 -1.71 -2.81
C GLY A 123 -2.07 -0.24 -2.57
N VAL A 124 -2.81 0.45 -1.66
CA VAL A 124 -2.40 1.77 -1.10
C VAL A 124 -2.43 1.67 0.44
N GLY A 125 -1.45 2.29 1.09
CA GLY A 125 -1.43 2.46 2.57
C GLY A 125 -0.99 3.84 2.99
N ALA A 126 -1.31 4.25 4.22
CA ALA A 126 -0.97 5.59 4.73
C ALA A 126 -0.29 5.50 6.09
N ALA A 127 0.83 6.22 6.21
CA ALA A 127 1.35 6.83 7.46
C ALA A 127 0.50 8.08 7.72
N LEU A 128 -0.47 7.95 8.62
CA LEU A 128 -1.47 8.99 9.00
C LEU A 128 -1.07 9.59 10.36
N ALA A 129 -0.63 10.85 10.36
CA ALA A 129 -0.07 11.54 11.55
C ALA A 129 -1.16 12.42 12.15
N THR A 130 -1.25 12.48 13.49
CA THR A 130 -2.24 13.35 14.20
C THR A 130 -1.64 14.74 14.44
N ALA A 131 -2.46 15.70 14.88
CA ALA A 131 -2.05 17.10 15.17
C ALA A 131 -1.03 17.08 16.32
N ASP A 132 -1.11 16.09 17.23
CA ASP A 132 -0.21 15.95 18.42
C ASP A 132 0.97 14.98 18.22
N ASP A 133 1.28 14.65 16.96
N ASP A 133 1.27 14.59 16.98
CA ASP A 133 2.48 13.88 16.48
CA ASP A 133 2.53 13.89 16.60
C ASP A 133 2.42 12.42 16.92
C ASP A 133 2.46 12.39 16.88
N PHE A 134 1.35 11.71 16.53
CA PHE A 134 1.25 10.22 16.62
C PHE A 134 0.98 9.67 15.19
N LEU A 135 1.43 8.46 14.88
CA LEU A 135 0.86 7.64 13.76
C LEU A 135 -0.28 6.75 14.24
N VAL A 136 -1.25 6.51 13.35
CA VAL A 136 -2.49 5.72 13.58
C VAL A 136 -2.31 4.26 13.15
N PHE A 137 -2.58 3.30 14.05
CA PHE A 137 -2.60 1.86 13.73
C PHE A 137 -3.98 1.24 14.00
N LEU A 138 -4.27 0.13 13.32
CA LEU A 138 -5.54 -0.64 13.35
C LEU A 138 -5.26 -2.12 13.60
N ARG A 139 -6.07 -2.78 14.43
CA ARG A 139 -5.92 -4.23 14.70
C ARG A 139 -6.85 -4.97 13.73
N ARG A 140 -6.32 -5.93 12.97
CA ARG A 140 -7.13 -6.71 11.99
C ARG A 140 -7.95 -7.78 12.74
N SER A 141 -9.20 -7.99 12.31
CA SER A 141 -10.05 -9.14 12.75
C SER A 141 -9.28 -10.47 12.65
N ARG A 142 -9.55 -11.44 13.54
CA ARG A 142 -8.90 -12.79 13.54
C ARG A 142 -9.62 -13.77 12.60
N GLN A 143 -10.69 -13.34 11.93
CA GLN A 143 -11.55 -14.20 11.07
C GLN A 143 -11.36 -13.88 9.58
N VAL A 144 -10.45 -12.97 9.19
CA VAL A 144 -10.20 -12.64 7.76
C VAL A 144 -9.13 -13.56 7.18
N ALA A 145 -9.03 -13.60 5.85
CA ALA A 145 -8.24 -14.61 5.09
C ALA A 145 -6.75 -14.29 5.19
N GLU A 146 -6.39 -13.02 5.06
CA GLU A 146 -4.98 -12.53 4.98
C GLU A 146 -4.58 -11.84 6.27
N ALA A 147 -3.42 -12.21 6.82
CA ALA A 147 -2.82 -11.59 8.01
C ALA A 147 -3.85 -11.43 9.13
N PRO A 148 -4.64 -12.48 9.48
CA PRO A 148 -5.58 -12.37 10.59
C PRO A 148 -4.90 -11.94 11.91
N GLY A 149 -5.55 -11.04 12.64
CA GLY A 149 -5.07 -10.64 13.98
C GLY A 149 -3.80 -9.79 14.00
N LEU A 150 -3.25 -9.39 12.83
CA LEU A 150 -2.04 -8.51 12.76
C LEU A 150 -2.40 -7.01 12.81
N VAL A 151 -1.39 -6.21 13.09
CA VAL A 151 -1.54 -4.72 13.06
C VAL A 151 -1.43 -4.23 11.61
N ASP A 152 -2.28 -3.28 11.24
CA ASP A 152 -2.25 -2.67 9.88
C ASP A 152 -2.27 -1.12 9.99
N VAL A 153 -2.13 -0.44 8.85
CA VAL A 153 -2.36 1.02 8.69
C VAL A 153 -3.58 1.17 7.80
N PRO A 154 -4.21 2.35 7.72
CA PRO A 154 -5.35 2.55 6.83
C PRO A 154 -4.93 2.34 5.37
N GLY A 155 -5.77 1.67 4.59
CA GLY A 155 -5.51 1.55 3.15
C GLY A 155 -6.43 0.55 2.54
N GLY A 156 -6.08 0.08 1.33
CA GLY A 156 -6.83 -0.98 0.64
C GLY A 156 -6.36 -1.13 -0.79
N HIS A 157 -7.24 -1.57 -1.70
CA HIS A 157 -6.90 -1.97 -3.10
C HIS A 157 -7.86 -1.26 -4.04
N PRO A 158 -7.51 -0.06 -4.54
CA PRO A 158 -8.45 0.75 -5.32
C PRO A 158 -8.89 0.09 -6.64
N GLU A 159 -10.12 0.45 -7.01
CA GLU A 159 -10.91 -0.07 -8.14
C GLU A 159 -11.03 1.02 -9.19
N PRO A 160 -10.55 0.79 -10.43
CA PRO A 160 -10.72 1.74 -11.53
C PRO A 160 -12.15 2.27 -11.75
N GLN A 161 -12.26 3.52 -12.24
CA GLN A 161 -13.50 4.27 -12.59
C GLN A 161 -14.32 4.45 -11.32
N ASP A 173 -0.42 10.72 -20.75
CA ASP A 173 -0.84 11.15 -19.39
C ASP A 173 -2.28 11.67 -19.45
N LEU A 174 -3.06 11.34 -20.49
CA LEU A 174 -4.40 11.97 -20.70
C LEU A 174 -5.52 11.10 -20.13
N ALA A 175 -5.40 9.77 -20.12
CA ALA A 175 -6.11 8.90 -19.14
C ALA A 175 -5.23 8.71 -17.88
N GLY A 176 -3.90 8.80 -18.04
CA GLY A 176 -2.88 8.76 -16.97
C GLY A 176 -3.17 9.71 -15.81
N GLN A 177 -3.45 10.98 -16.08
CA GLN A 177 -3.63 12.00 -15.01
C GLN A 177 -4.87 11.64 -14.17
N LEU A 178 -5.87 11.05 -14.81
CA LEU A 178 -7.12 10.64 -14.13
C LEU A 178 -6.81 9.47 -13.20
N VAL A 179 -5.98 8.53 -13.68
CA VAL A 179 -5.52 7.35 -12.89
C VAL A 179 -4.76 7.87 -11.67
N VAL A 180 -3.80 8.77 -11.82
CA VAL A 180 -3.03 9.33 -10.66
C VAL A 180 -4.03 9.97 -9.69
N HIS A 181 -5.05 10.68 -10.17
CA HIS A 181 -6.02 11.36 -9.26
C HIS A 181 -6.84 10.33 -8.47
N GLU A 182 -7.26 9.24 -9.10
N GLU A 182 -7.23 9.24 -9.14
CA GLU A 182 -8.06 8.17 -8.43
CA GLU A 182 -8.01 8.11 -8.58
C GLU A 182 -7.19 7.45 -7.39
C GLU A 182 -7.20 7.46 -7.44
N LEU A 183 -5.88 7.28 -7.63
CA LEU A 183 -4.99 6.67 -6.59
C LEU A 183 -4.95 7.58 -5.34
N PHE A 184 -4.70 8.90 -5.47
CA PHE A 184 -4.56 9.82 -4.32
C PHE A 184 -5.93 10.00 -3.63
N SER A 185 -7.01 10.16 -4.41
N SER A 185 -7.02 10.14 -4.39
CA SER A 185 -8.40 10.22 -3.91
CA SER A 185 -8.39 10.26 -3.80
C SER A 185 -8.73 8.96 -3.09
C SER A 185 -8.81 8.94 -3.11
N SER A 186 -8.34 7.78 -3.57
CA SER A 186 -8.68 6.48 -2.94
C SER A 186 -8.00 6.31 -1.54
N VAL A 187 -6.79 6.81 -1.30
CA VAL A 187 -6.16 6.71 0.06
C VAL A 187 -6.99 7.56 1.07
N LEU A 188 -7.49 8.74 0.68
CA LEU A 188 -8.35 9.63 1.52
C LEU A 188 -9.69 8.95 1.81
N GLN A 189 -10.32 8.44 0.76
CA GLN A 189 -11.60 7.71 0.90
C GLN A 189 -11.44 6.52 1.85
N GLU A 190 -10.34 5.74 1.78
CA GLU A 190 -10.09 4.57 2.69
C GLU A 190 -9.95 5.04 4.15
N ILE A 191 -9.27 6.16 4.37
CA ILE A 191 -9.11 6.77 5.72
C ILE A 191 -10.50 7.21 6.25
N CYS A 192 -11.30 7.91 5.44
CA CYS A 192 -12.68 8.32 5.82
C CYS A 192 -13.57 7.10 6.09
N ASP A 193 -13.52 6.05 5.27
CA ASP A 193 -14.42 4.87 5.45
C ASP A 193 -14.02 4.07 6.71
N GLU A 194 -12.73 3.84 6.94
CA GLU A 194 -12.26 2.94 8.04
C GLU A 194 -12.04 3.73 9.36
N VAL A 195 -11.48 4.94 9.34
CA VAL A 195 -11.16 5.68 10.60
C VAL A 195 -12.35 6.59 10.96
N ASN A 196 -13.27 6.79 10.03
CA ASN A 196 -14.48 7.61 10.29
C ASN A 196 -14.09 9.08 10.54
N LEU A 197 -13.08 9.59 9.82
CA LEU A 197 -12.65 11.02 9.86
C LEU A 197 -13.37 11.83 8.78
N PRO A 198 -13.76 13.11 9.04
CA PRO A 198 -14.19 14.01 7.97
C PRO A 198 -13.06 14.26 6.97
N LEU A 199 -13.40 14.22 5.69
CA LEU A 199 -12.46 14.49 4.56
C LEU A 199 -11.72 15.79 4.78
N LEU A 200 -12.41 16.81 5.32
CA LEU A 200 -11.82 18.18 5.49
C LEU A 200 -10.81 18.22 6.64
N THR A 201 -10.65 17.18 7.47
CA THR A 201 -9.55 17.15 8.48
C THR A 201 -8.25 16.57 7.89
N LEU A 202 -8.21 16.28 6.58
CA LEU A 202 -7.04 15.56 5.98
C LEU A 202 -6.30 16.45 4.98
N SER A 203 -4.96 16.39 4.97
CA SER A 203 -4.07 17.03 3.96
C SER A 203 -4.14 16.26 2.65
N GLN A 204 -3.78 16.89 1.51
CA GLN A 204 -3.49 16.18 0.25
C GLN A 204 -2.33 15.21 0.51
N PRO A 205 -2.42 13.92 0.10
CA PRO A 205 -1.37 12.94 0.38
C PRO A 205 -0.09 13.24 -0.40
N LEU A 206 1.03 12.80 0.15
CA LEU A 206 2.33 12.72 -0.57
C LEU A 206 2.71 11.26 -0.76
N LEU A 207 3.15 10.87 -1.96
CA LEU A 207 3.69 9.49 -2.20
C LEU A 207 5.10 9.35 -1.59
N LEU A 208 5.32 8.40 -0.65
CA LEU A 208 6.66 8.18 -0.03
C LEU A 208 7.50 7.20 -0.83
N GLY A 209 6.84 6.20 -1.41
CA GLY A 209 7.52 5.16 -2.22
C GLY A 209 6.62 3.97 -2.47
N ILE A 210 7.19 2.88 -2.97
CA ILE A 210 6.45 1.62 -3.25
C ILE A 210 7.17 0.50 -2.53
N ALA A 211 6.39 -0.37 -1.88
CA ALA A 211 6.87 -1.54 -1.10
C ALA A 211 6.25 -2.81 -1.69
N ARG A 212 7.06 -3.89 -1.74
CA ARG A 212 6.64 -5.24 -2.21
C ARG A 212 6.53 -6.20 -1.02
N ASN A 213 5.39 -6.90 -0.92
CA ASN A 213 5.04 -7.95 0.08
C ASN A 213 5.57 -9.30 -0.44
N GLU A 214 6.73 -9.74 0.02
CA GLU A 214 7.34 -11.03 -0.42
C GLU A 214 6.58 -12.24 0.15
N THR A 215 5.61 -12.07 1.04
CA THR A 215 4.75 -13.17 1.56
C THR A 215 3.55 -13.37 0.64
N SER A 216 3.22 -12.40 -0.21
CA SER A 216 2.08 -12.49 -1.16
C SER A 216 2.62 -12.42 -2.60
N ALA A 217 3.75 -13.11 -2.82
CA ALA A 217 4.43 -13.41 -4.12
C ALA A 217 4.85 -12.11 -4.82
N GLY A 218 5.16 -11.08 -4.04
CA GLY A 218 5.81 -9.88 -4.57
C GLY A 218 4.85 -8.75 -4.91
N ARG A 219 3.56 -8.86 -4.58
CA ARG A 219 2.62 -7.72 -4.89
C ARG A 219 2.99 -6.46 -4.08
N ALA A 220 2.67 -5.31 -4.67
CA ALA A 220 3.25 -3.99 -4.36
C ALA A 220 2.14 -3.09 -3.79
N SER A 221 2.51 -2.22 -2.84
CA SER A 221 1.60 -1.21 -2.26
C SER A 221 2.23 0.16 -2.41
N ALA A 222 1.50 1.12 -2.96
CA ALA A 222 1.93 2.54 -2.90
C ALA A 222 1.70 3.05 -1.48
N GLU A 223 2.73 3.62 -0.84
CA GLU A 223 2.72 4.08 0.58
C GLU A 223 2.78 5.61 0.65
N PHE A 224 1.81 6.23 1.33
CA PHE A 224 1.54 7.69 1.31
C PHE A 224 1.64 8.26 2.73
N TYR A 225 1.99 9.55 2.83
CA TYR A 225 1.95 10.35 4.07
C TYR A 225 0.70 11.26 4.03
N VAL A 226 -0.09 11.22 5.09
CA VAL A 226 -1.27 12.10 5.25
C VAL A 226 -1.26 12.68 6.68
N GLN A 227 -1.48 13.98 6.81
N GLN A 227 -1.44 13.99 6.79
CA GLN A 227 -1.57 14.70 8.11
CA GLN A 227 -1.58 14.74 8.07
C GLN A 227 -3.05 15.01 8.39
C GLN A 227 -3.08 14.94 8.36
N CYS A 228 -3.49 14.78 9.62
CA CYS A 228 -4.85 15.09 10.12
C CYS A 228 -4.77 16.30 11.06
N SER A 229 -5.77 17.19 11.04
CA SER A 229 -5.84 18.39 11.92
C SER A 229 -6.44 18.04 13.29
N LEU A 230 -6.94 16.80 13.50
CA LEU A 230 -7.38 16.31 14.85
C LEU A 230 -6.22 15.74 15.69
N THR A 231 -6.36 15.81 17.02
CA THR A 231 -5.44 15.13 17.98
C THR A 231 -5.74 13.63 18.00
N SER A 232 -4.85 12.80 18.54
CA SER A 232 -5.09 11.35 18.70
C SER A 232 -6.42 11.08 19.43
N GLU A 233 -6.68 11.80 20.51
CA GLU A 233 -7.91 11.60 21.34
C GLU A 233 -9.15 11.87 20.48
N GLN A 234 -9.18 12.97 19.72
CA GLN A 234 -10.35 13.26 18.83
C GLN A 234 -10.45 12.18 17.72
N VAL A 235 -9.32 11.68 17.18
CA VAL A 235 -9.30 10.59 16.15
C VAL A 235 -9.97 9.34 16.77
N ARG A 236 -9.58 8.95 18.00
CA ARG A 236 -10.14 7.79 18.72
C ARG A 236 -11.66 7.93 18.86
N LYS A 237 -12.13 9.12 19.24
CA LYS A 237 -13.57 9.42 19.45
C LYS A 237 -14.31 9.16 18.13
N HIS A 238 -13.84 9.74 17.03
CA HIS A 238 -14.47 9.55 15.69
C HIS A 238 -14.55 8.06 15.37
N TYR A 239 -13.43 7.33 15.49
CA TYR A 239 -13.34 5.88 15.16
C TYR A 239 -14.41 5.11 15.95
N LEU A 240 -14.44 5.27 17.29
CA LEU A 240 -15.34 4.48 18.17
C LEU A 240 -16.81 4.88 17.95
N SER A 241 -17.07 6.15 17.67
CA SER A 241 -18.46 6.69 17.55
C SER A 241 -19.17 6.06 16.35
N GLY A 242 -18.45 5.43 15.42
CA GLY A 242 -19.10 4.65 14.35
C GLY A 242 -19.70 3.34 14.88
N GLY A 243 -19.14 2.78 15.94
CA GLY A 243 -19.61 1.49 16.52
C GLY A 243 -19.04 0.29 15.74
N PRO A 244 -19.26 -0.95 16.19
CA PRO A 244 -18.69 -2.15 15.56
C PRO A 244 -18.89 -2.30 14.05
N GLU A 245 -20.04 -1.87 13.50
CA GLU A 245 -20.40 -2.04 12.05
C GLU A 245 -19.80 -0.92 11.19
N ALA A 246 -19.21 0.11 11.76
CA ALA A 246 -18.64 1.22 10.97
C ALA A 246 -17.21 0.87 10.50
N HIS A 247 -16.64 -0.28 10.90
CA HIS A 247 -15.22 -0.57 10.56
C HIS A 247 -14.96 -2.08 10.56
N GLU A 248 -14.00 -2.52 9.74
CA GLU A 248 -13.58 -3.95 9.56
C GLU A 248 -12.58 -4.30 10.67
N SER A 249 -11.78 -3.32 11.11
CA SER A 249 -10.80 -3.50 12.20
C SER A 249 -11.56 -3.67 13.51
N THR A 250 -10.87 -4.13 14.55
CA THR A 250 -11.41 -4.40 15.90
C THR A 250 -10.75 -3.50 16.97
N GLY A 251 -9.88 -2.58 16.59
CA GLY A 251 -9.32 -1.56 17.51
C GLY A 251 -8.39 -0.59 16.79
N ILE A 252 -8.14 0.57 17.42
CA ILE A 252 -7.25 1.68 16.97
C ILE A 252 -6.30 1.96 18.12
N PHE A 253 -5.06 2.31 17.79
CA PHE A 253 -4.06 2.75 18.77
C PHE A 253 -3.08 3.66 18.04
N PHE A 254 -2.20 4.33 18.80
CA PHE A 254 -1.34 5.46 18.36
C PHE A 254 0.06 5.29 18.93
N VAL A 255 1.08 5.58 18.11
CA VAL A 255 2.51 5.58 18.55
C VAL A 255 3.07 6.96 18.23
N GLU A 256 3.75 7.55 19.19
CA GLU A 256 4.41 8.88 18.98
C GLU A 256 5.40 8.73 17.84
N THR A 257 5.53 9.77 17.00
CA THR A 257 6.46 9.76 15.85
C THR A 257 7.88 9.56 16.38
N GLN A 258 8.15 10.07 17.58
CA GLN A 258 9.46 9.89 18.26
C GLN A 258 9.82 8.40 18.33
N ASN A 259 8.85 7.57 18.71
CA ASN A 259 9.08 6.14 18.97
C ASN A 259 8.95 5.28 17.69
N VAL A 260 8.44 5.83 16.58
CA VAL A 260 8.32 5.12 15.25
C VAL A 260 9.72 4.87 14.68
N ARG A 261 10.64 5.81 14.89
CA ARG A 261 12.08 5.67 14.50
C ARG A 261 12.63 4.27 14.86
N ARG A 262 12.33 3.70 16.02
CA ARG A 262 12.98 2.44 16.45
C ARG A 262 11.94 1.30 16.49
N LEU A 263 10.78 1.46 15.81
CA LEU A 263 9.73 0.41 15.85
C LEU A 263 10.23 -0.97 15.41
N PRO A 264 11.15 -1.09 14.42
CA PRO A 264 11.65 -2.40 14.00
C PRO A 264 12.47 -3.11 15.10
N GLU A 265 12.77 -2.44 16.23
CA GLU A 265 13.51 -3.09 17.34
C GLU A 265 12.55 -3.48 18.49
N THR A 266 11.22 -3.33 18.33
CA THR A 266 10.20 -3.57 19.38
C THR A 266 9.47 -4.88 19.10
N GLU A 267 8.66 -5.35 20.06
CA GLU A 267 7.83 -6.59 19.93
C GLU A 267 6.62 -6.32 19.02
N MET A 268 6.25 -5.05 18.80
CA MET A 268 5.16 -4.70 17.83
C MET A 268 5.57 -5.18 16.42
N TRP A 269 6.85 -5.09 16.07
CA TRP A 269 7.31 -5.34 14.67
C TRP A 269 6.83 -6.73 14.22
N ALA A 270 6.91 -7.74 15.08
CA ALA A 270 6.48 -9.14 14.79
C ALA A 270 4.97 -9.24 14.53
N GLU A 271 4.18 -8.24 14.90
CA GLU A 271 2.69 -8.26 14.76
C GLU A 271 2.23 -7.37 13.60
N LEU A 272 3.12 -6.63 12.93
CA LEU A 272 2.77 -5.75 11.76
C LEU A 272 2.67 -6.60 10.48
N CYS A 273 1.62 -6.45 9.71
CA CYS A 273 1.54 -7.08 8.36
C CYS A 273 2.55 -6.37 7.44
N PRO A 274 3.06 -7.09 6.42
CA PRO A 274 4.11 -6.54 5.55
C PRO A 274 3.84 -5.16 4.89
N SER A 275 2.62 -4.90 4.46
CA SER A 275 2.29 -3.59 3.85
C SER A 275 2.39 -2.47 4.89
N ALA A 276 2.00 -2.72 6.14
CA ALA A 276 2.18 -1.69 7.21
C ALA A 276 3.68 -1.55 7.52
N LYS A 277 4.47 -2.63 7.47
CA LYS A 277 5.95 -2.52 7.61
C LYS A 277 6.51 -1.55 6.55
N GLY A 278 6.07 -1.68 5.30
CA GLY A 278 6.55 -0.84 4.19
C GLY A 278 6.26 0.63 4.43
N ALA A 279 5.07 0.93 4.95
CA ALA A 279 4.61 2.30 5.26
C ALA A 279 5.52 2.90 6.36
N ILE A 280 5.80 2.14 7.39
CA ILE A 280 6.66 2.65 8.49
C ILE A 280 8.11 2.79 8.03
N ILE A 281 8.68 1.81 7.31
CA ILE A 281 10.09 1.93 6.80
C ILE A 281 10.20 3.19 5.90
N LEU A 282 9.25 3.42 5.01
CA LEU A 282 9.30 4.58 4.08
C LEU A 282 9.05 5.90 4.84
N TYR A 283 8.20 5.92 5.87
CA TYR A 283 7.98 7.12 6.70
C TYR A 283 9.30 7.49 7.36
N ASN A 284 10.01 6.54 7.98
CA ASN A 284 11.34 6.72 8.63
C ASN A 284 12.41 7.23 7.63
N ARG A 285 12.48 6.70 6.39
CA ARG A 285 13.48 7.18 5.39
C ARG A 285 13.12 8.54 4.77
N VAL A 286 11.84 8.79 4.45
CA VAL A 286 11.45 9.92 3.56
C VAL A 286 10.96 11.12 4.38
N GLN A 287 10.19 10.92 5.45
CA GLN A 287 9.71 12.05 6.32
C GLN A 287 10.64 12.24 7.53
N GLY A 288 11.16 11.19 8.15
CA GLY A 288 12.18 11.37 9.20
C GLY A 288 13.55 11.70 8.60
N SER A 289 14.64 11.16 9.18
CA SER A 289 16.04 11.17 8.68
C SER A 289 16.44 12.58 8.24
N PRO A 290 16.58 13.54 9.21
CA PRO A 290 16.89 14.92 8.87
C PRO A 290 18.29 15.10 8.26
N THR A 291 18.35 15.84 7.16
CA THR A 291 19.54 16.03 6.29
C THR A 291 20.29 17.32 6.69
N GLY A 292 19.65 18.23 7.45
CA GLY A 292 20.15 19.60 7.71
C GLY A 292 20.72 19.75 9.12
N ALA A 293 21.51 20.81 9.33
CA ALA A 293 22.34 21.08 10.52
C ALA A 293 21.46 21.23 11.78
N ALA A 294 20.27 21.84 11.66
CA ALA A 294 19.32 22.14 12.77
C ALA A 294 18.58 20.86 13.24
N LEU A 295 17.86 20.14 12.36
CA LEU A 295 17.14 18.87 12.72
C LEU A 295 18.15 17.71 12.91
N GLY A 296 19.39 17.91 12.45
CA GLY A 296 20.51 16.94 12.55
C GLY A 296 21.20 16.94 13.90
N SER A 297 21.30 18.10 14.58
CA SER A 297 21.94 18.32 15.91
C SER A 297 21.67 17.16 16.88
N PRO A 298 22.68 16.72 17.71
CA PRO A 298 22.51 15.56 18.61
C PRO A 298 21.36 15.57 19.64
N ALA A 299 20.96 16.73 20.18
CA ALA A 299 19.85 16.84 21.18
C ALA A 299 18.50 16.51 20.51
N LEU A 300 18.29 16.97 19.25
CA LEU A 300 17.08 16.72 18.42
C LEU A 300 17.15 15.35 17.72
N LEU A 301 18.34 14.89 17.31
CA LEU A 301 18.54 13.56 16.68
C LEU A 301 19.50 12.74 17.55
N PRO A 302 18.98 12.09 18.63
CA PRO A 302 19.81 11.24 19.51
C PRO A 302 20.56 10.08 18.82
N PRO A 303 21.88 9.89 19.09
CA PRO A 303 22.63 8.73 18.57
C PRO A 303 22.19 7.33 19.08
N LEU A 304 22.50 6.27 18.31
CA LEU A 304 22.17 4.85 18.61
C LEU A 304 20.67 4.72 18.92
N1 MH5 B . -8.00 -9.74 0.87
C4 MH5 B . -5.35 -8.55 -1.29
C5 MH5 B . -6.60 -8.50 -0.72
C6 MH5 B . -6.98 -8.73 0.72
C7 MH5 B . -7.81 -11.11 0.62
C8 MH5 B . -6.52 -11.64 0.60
C10 MH5 B . -7.43 -13.82 0.12
C13 MH5 B . -9.89 -14.19 -0.12
C1 MH5 B . -7.02 -7.92 -4.61
C2 MH5 B . -6.60 -8.08 -3.19
C3 MH5 B . -5.36 -8.26 -2.68
S1 MH5 B . -7.77 -8.09 -1.91
C9 MH5 B . -6.34 -13.00 0.35
C11 MH5 B . -8.71 -13.30 0.15
C12 MH5 B . -8.90 -11.94 0.39
O1 MH5 B . -9.68 -15.44 -0.17
O2 MH5 B . -11.01 -13.65 -0.31
S DMS C . -11.80 -10.56 16.07
O DMS C . -12.76 -9.89 17.02
C1 DMS C . -10.36 -10.86 17.06
C2 DMS C . -12.38 -12.23 15.89
S DMS D . -8.71 17.04 0.92
O DMS D . -9.46 18.11 1.66
C1 DMS D . -8.60 15.69 2.05
C2 DMS D . -9.87 16.34 -0.25
S DMS E . 12.95 -17.69 -23.19
O DMS E . 13.71 -16.41 -23.42
C1 DMS E . 11.31 -17.38 -23.74
C2 DMS E . 13.37 -18.82 -24.50
S DMS F . -2.10 -1.87 4.27
O DMS F . -2.39 -3.10 3.43
C1 DMS F . -1.15 -0.80 3.23
C2 DMS F . -3.60 -0.95 4.27
#